data_1INQ
#
_entry.id   1INQ
#
_cell.length_a   92.64
_cell.length_b   109.42
_cell.length_c   57.56
_cell.angle_alpha   90.00
_cell.angle_beta   120.01
_cell.angle_gamma   90.00
#
_symmetry.space_group_name_H-M   'C 1 2 1'
#
loop_
_entity.id
_entity.type
_entity.pdbx_description
1 polymer 'H-2 CLASS I HISTOCOMPATIBILITY ANTIGEN, D-B ALPHA CHAIN'
2 polymer 'BETA-2 MICROGLOBULIN'
3 polymer 'MHC Class I H13a minor histocompatibility peptide'
4 non-polymer 'DIMETHYL SULFOXIDE'
5 water water
#
loop_
_entity_poly.entity_id
_entity_poly.type
_entity_poly.pdbx_seq_one_letter_code
_entity_poly.pdbx_strand_id
1 'polypeptide(L)'
;GPHSMRYFETAVSRPGLEEPRYISVGYVDNKEFVRFDSDAENPRYEPRAPWMEQEGPEYWERETQKAKGQEQWFRVSLRN
LLGYYNQSAGGSHTLQQMSGCDLGSDWRLLRGYLQFAYEGRDYIALNEDLKTWTAADMAAQITRRKWEQSGAAEHYKAYL
EGECVEWLHRYLKNGNATLLRTDSPKAHVTHHPRSKGEVTLRCWALGFYPADITLTWQLNGEELTQDMELVETRPAGDGT
FQKWASVVVPLGKEQNYTCRVYHEGLPEPLTLRWE
;
A
2 'polypeptide(L)'
;IQKTPQIQVYSRHPPENGKPNILNCYVTQFHPPHIEIQMLKNGKKIPKVEMSDMSFSKDWSFYILAHTEFTPTETDTYAC
RVKHDSMAEPKTVYWDRDM
;
B
3 'polypeptide(L)' SSVVGVWYL C
#
# COMPACT_ATOMS: atom_id res chain seq x y z
N GLY A 1 -0.14 24.19 0.63
CA GLY A 1 -0.31 22.90 1.40
C GLY A 1 0.89 21.97 1.27
N PRO A 2 0.93 20.86 2.03
CA PRO A 2 2.03 19.88 2.00
C PRO A 2 1.82 18.79 0.92
N HIS A 3 2.88 18.47 0.19
CA HIS A 3 2.77 17.47 -0.86
C HIS A 3 4.02 16.59 -0.94
N SER A 4 3.97 15.56 -1.78
CA SER A 4 5.10 14.67 -1.90
C SER A 4 5.13 13.82 -3.15
N MET A 5 6.34 13.42 -3.53
CA MET A 5 6.54 12.53 -4.66
C MET A 5 7.45 11.41 -4.19
N ARG A 6 7.21 10.22 -4.70
CA ARG A 6 8.03 9.11 -4.31
C ARG A 6 8.05 8.04 -5.36
N TYR A 7 9.22 7.41 -5.50
CA TYR A 7 9.37 6.29 -6.38
C TYR A 7 9.77 5.11 -5.51
N PHE A 8 8.97 4.04 -5.58
CA PHE A 8 9.21 2.81 -4.86
C PHE A 8 9.74 1.79 -5.88
N GLU A 9 10.96 1.32 -5.68
CA GLU A 9 11.55 0.36 -6.61
C GLU A 9 11.83 -0.96 -5.92
N THR A 10 11.54 -2.04 -6.64
CA THR A 10 11.78 -3.37 -6.11
C THR A 10 12.45 -4.28 -7.15
N ALA A 11 13.40 -5.07 -6.68
CA ALA A 11 14.11 -6.02 -7.51
C ALA A 11 14.17 -7.34 -6.74
N VAL A 12 13.66 -8.40 -7.36
CA VAL A 12 13.65 -9.70 -6.73
C VAL A 12 14.36 -10.69 -7.63
N SER A 13 15.30 -11.43 -7.05
CA SER A 13 16.01 -12.42 -7.84
C SER A 13 15.20 -13.67 -7.63
N ARG A 14 15.31 -14.61 -8.55
CA ARG A 14 14.54 -15.84 -8.45
C ARG A 14 15.43 -17.02 -8.81
N PRO A 15 15.16 -18.18 -8.18
CA PRO A 15 15.95 -19.40 -8.43
C PRO A 15 15.97 -19.78 -9.92
N GLY A 16 17.16 -20.05 -10.44
CA GLY A 16 17.29 -20.43 -11.85
C GLY A 16 18.28 -19.59 -12.62
N LEU A 17 18.06 -19.46 -13.93
CA LEU A 17 18.94 -18.67 -14.80
C LEU A 17 18.25 -17.34 -15.12
N GLU A 18 16.95 -17.34 -14.89
CA GLU A 18 16.11 -16.17 -15.11
C GLU A 18 16.66 -14.95 -14.38
N GLU A 19 16.57 -13.79 -15.03
CA GLU A 19 17.05 -12.54 -14.44
C GLU A 19 16.06 -12.01 -13.42
N PRO A 20 16.48 -11.03 -12.60
CA PRO A 20 15.59 -10.46 -11.59
C PRO A 20 14.44 -9.70 -12.22
N ARG A 21 13.33 -9.59 -11.49
CA ARG A 21 12.18 -8.83 -11.98
C ARG A 21 12.32 -7.46 -11.31
N TYR A 22 12.17 -6.39 -12.09
CA TYR A 22 12.29 -5.05 -11.58
C TYR A 22 10.98 -4.32 -11.76
N ILE A 23 10.50 -3.73 -10.67
CA ILE A 23 9.29 -2.97 -10.70
C ILE A 23 9.50 -1.60 -10.10
N SER A 24 9.03 -0.58 -10.82
CA SER A 24 9.14 0.79 -10.31
C SER A 24 7.75 1.42 -10.31
N VAL A 25 7.36 1.98 -9.17
CA VAL A 25 6.07 2.63 -9.04
C VAL A 25 6.27 4.07 -8.53
N GLY A 26 5.66 5.03 -9.21
CA GLY A 26 5.79 6.41 -8.80
C GLY A 26 4.53 6.84 -8.08
N TYR A 27 4.65 7.76 -7.12
CA TYR A 27 3.48 8.28 -6.41
C TYR A 27 3.59 9.78 -6.28
N VAL A 28 2.43 10.44 -6.18
CA VAL A 28 2.36 11.87 -5.93
C VAL A 28 1.25 11.96 -4.91
N ASP A 29 1.55 12.51 -3.75
CA ASP A 29 0.58 12.58 -2.67
C ASP A 29 -0.01 11.18 -2.41
N ASN A 30 0.87 10.18 -2.37
CA ASN A 30 0.56 8.79 -2.09
C ASN A 30 -0.37 8.11 -3.10
N LYS A 31 -0.48 8.67 -4.29
CA LYS A 31 -1.35 8.11 -5.33
C LYS A 31 -0.46 7.68 -6.51
N GLU A 32 -0.52 6.39 -6.84
CA GLU A 32 0.27 5.83 -7.94
C GLU A 32 -0.02 6.59 -9.22
N PHE A 33 1.01 7.03 -9.95
CA PHE A 33 0.77 7.74 -11.21
C PHE A 33 1.54 7.18 -12.40
N VAL A 34 2.59 6.41 -12.14
CA VAL A 34 3.36 5.80 -13.21
C VAL A 34 3.82 4.43 -12.73
N ARG A 35 4.11 3.53 -13.66
CA ARG A 35 4.54 2.20 -13.28
C ARG A 35 5.29 1.52 -14.39
N PHE A 36 6.33 0.78 -14.03
CA PHE A 36 7.17 0.03 -14.95
C PHE A 36 7.36 -1.33 -14.33
N ASP A 37 7.29 -2.38 -15.14
CA ASP A 37 7.41 -3.75 -14.68
C ASP A 37 8.11 -4.54 -15.77
N SER A 38 9.31 -5.01 -15.47
CA SER A 38 10.11 -5.74 -16.44
C SER A 38 9.50 -7.08 -16.87
N ASP A 39 8.46 -7.52 -16.18
CA ASP A 39 7.76 -8.77 -16.51
C ASP A 39 6.78 -8.60 -17.69
N ALA A 40 6.39 -7.36 -17.98
CA ALA A 40 5.43 -7.10 -19.05
C ALA A 40 5.98 -7.47 -20.45
N GLU A 41 5.08 -7.68 -21.41
CA GLU A 41 5.49 -8.05 -22.78
C GLU A 41 6.55 -7.08 -23.31
N ASN A 42 6.18 -5.80 -23.37
CA ASN A 42 7.11 -4.76 -23.82
C ASN A 42 7.22 -3.72 -22.69
N PRO A 43 8.11 -3.99 -21.72
CA PRO A 43 8.39 -3.17 -20.55
C PRO A 43 8.54 -1.70 -20.84
N ARG A 44 7.67 -0.90 -20.23
CA ARG A 44 7.69 0.54 -20.41
C ARG A 44 6.99 1.21 -19.24
N TYR A 45 7.36 2.45 -18.96
CA TYR A 45 6.68 3.18 -17.92
C TYR A 45 5.29 3.51 -18.53
N GLU A 46 4.25 3.37 -17.72
CA GLU A 46 2.90 3.63 -18.18
C GLU A 46 2.17 4.58 -17.24
N PRO A 47 1.25 5.40 -17.78
CA PRO A 47 0.52 6.31 -16.92
C PRO A 47 -0.39 5.42 -16.07
N ARG A 48 -0.68 5.84 -14.84
CA ARG A 48 -1.54 5.09 -13.94
C ARG A 48 -2.59 6.03 -13.38
N ALA A 49 -2.66 7.22 -13.96
CA ALA A 49 -3.65 8.23 -13.57
C ALA A 49 -3.95 9.06 -14.82
N PRO A 50 -5.24 9.24 -15.15
CA PRO A 50 -5.67 10.00 -16.32
C PRO A 50 -4.83 11.26 -16.63
N TRP A 51 -4.57 12.08 -15.61
CA TRP A 51 -3.80 13.30 -15.83
C TRP A 51 -2.38 13.11 -16.39
N MET A 52 -1.82 11.90 -16.33
CA MET A 52 -0.47 11.70 -16.87
C MET A 52 -0.50 11.53 -18.38
N GLU A 53 -1.69 11.44 -18.97
CA GLU A 53 -1.76 11.28 -20.42
C GLU A 53 -1.28 12.54 -21.13
N GLN A 54 -1.19 13.63 -20.39
CA GLN A 54 -0.72 14.89 -20.93
C GLN A 54 0.73 14.81 -21.42
N GLU A 55 1.53 13.97 -20.77
CA GLU A 55 2.94 13.83 -21.13
C GLU A 55 3.17 13.23 -22.53
N GLY A 56 4.03 13.89 -23.31
CA GLY A 56 4.34 13.42 -24.65
C GLY A 56 5.25 12.20 -24.68
N PRO A 57 5.44 11.58 -25.86
CA PRO A 57 6.28 10.40 -26.02
C PRO A 57 7.74 10.56 -25.63
N GLU A 58 8.26 11.78 -25.65
CA GLU A 58 9.66 11.94 -25.29
C GLU A 58 9.83 11.63 -23.81
N TYR A 59 8.81 11.97 -23.03
CA TYR A 59 8.83 11.72 -21.60
C TYR A 59 8.81 10.21 -21.32
N TRP A 60 7.89 9.50 -21.95
CA TRP A 60 7.80 8.07 -21.73
C TRP A 60 9.04 7.34 -22.18
N GLU A 61 9.63 7.81 -23.28
CA GLU A 61 10.85 7.19 -23.76
C GLU A 61 12.00 7.39 -22.77
N ARG A 62 12.17 8.64 -22.32
CA ARG A 62 13.23 8.97 -21.37
C ARG A 62 13.08 8.12 -20.11
N GLU A 63 11.88 8.16 -19.51
CA GLU A 63 11.59 7.40 -18.31
C GLU A 63 11.81 5.89 -18.49
N THR A 64 11.35 5.35 -19.62
CA THR A 64 11.51 3.91 -19.86
C THR A 64 12.99 3.56 -19.94
N GLN A 65 13.78 4.40 -20.59
CA GLN A 65 15.20 4.12 -20.71
C GLN A 65 15.86 4.21 -19.32
N LYS A 66 15.41 5.14 -18.47
CA LYS A 66 15.97 5.24 -17.13
C LYS A 66 15.70 3.94 -16.41
N ALA A 67 14.50 3.38 -16.58
CA ALA A 67 14.14 2.12 -15.94
C ALA A 67 14.95 0.93 -16.46
N LYS A 68 15.25 0.91 -17.76
CA LYS A 68 16.03 -0.18 -18.30
C LYS A 68 17.40 -0.12 -17.60
N GLY A 69 17.87 1.08 -17.33
CA GLY A 69 19.15 1.22 -16.66
C GLY A 69 19.08 0.73 -15.22
N GLN A 70 17.97 1.07 -14.54
CA GLN A 70 17.76 0.67 -13.16
C GLN A 70 17.73 -0.83 -13.01
N GLU A 71 17.13 -1.49 -13.99
CA GLU A 71 17.03 -2.94 -14.00
C GLU A 71 18.44 -3.54 -13.91
N GLN A 72 19.36 -3.03 -14.74
CA GLN A 72 20.73 -3.53 -14.74
C GLN A 72 21.40 -3.17 -13.39
N TRP A 73 21.29 -1.90 -13.00
CA TRP A 73 21.86 -1.44 -11.72
C TRP A 73 21.44 -2.35 -10.56
N PHE A 74 20.14 -2.67 -10.47
CA PHE A 74 19.69 -3.55 -9.41
C PHE A 74 20.26 -4.95 -9.55
N ARG A 75 20.40 -5.40 -10.79
CA ARG A 75 21.01 -6.73 -11.02
C ARG A 75 22.43 -6.75 -10.42
N VAL A 76 23.19 -5.69 -10.68
CA VAL A 76 24.54 -5.61 -10.18
C VAL A 76 24.58 -5.53 -8.65
N SER A 77 23.77 -4.64 -8.07
CA SER A 77 23.74 -4.47 -6.63
C SER A 77 23.27 -5.71 -5.93
N LEU A 78 22.30 -6.41 -6.50
CA LEU A 78 21.86 -7.64 -5.87
C LEU A 78 23.03 -8.64 -5.78
N ARG A 79 23.80 -8.72 -6.86
CA ARG A 79 24.95 -9.61 -6.89
C ARG A 79 25.98 -9.17 -5.83
N ASN A 80 26.27 -7.87 -5.78
CA ASN A 80 27.23 -7.37 -4.79
C ASN A 80 26.78 -7.77 -3.39
N LEU A 81 25.48 -7.58 -3.10
CA LEU A 81 24.97 -7.91 -1.78
C LEU A 81 25.14 -9.36 -1.41
N LEU A 82 24.99 -10.28 -2.36
CA LEU A 82 25.14 -11.69 -2.06
C LEU A 82 26.55 -11.90 -1.52
N GLY A 83 27.49 -11.14 -2.06
CA GLY A 83 28.86 -11.25 -1.60
C GLY A 83 29.07 -10.66 -0.21
N TYR A 84 28.51 -9.47 0.04
CA TYR A 84 28.67 -8.84 1.34
C TYR A 84 28.12 -9.72 2.46
N TYR A 85 26.99 -10.38 2.20
CA TYR A 85 26.35 -11.21 3.21
C TYR A 85 26.73 -12.70 3.15
N ASN A 86 27.75 -13.02 2.35
CA ASN A 86 28.17 -14.42 2.27
C ASN A 86 27.06 -15.39 1.90
N GLN A 87 26.19 -14.99 0.98
CA GLN A 87 25.08 -15.84 0.56
C GLN A 87 25.38 -16.58 -0.73
N SER A 88 24.90 -17.81 -0.82
CA SER A 88 25.09 -18.64 -2.02
C SER A 88 24.12 -18.23 -3.09
N ALA A 89 24.38 -18.72 -4.30
CA ALA A 89 23.50 -18.44 -5.41
C ALA A 89 22.35 -19.42 -5.22
N GLY A 90 21.23 -19.20 -5.90
CA GLY A 90 20.12 -20.12 -5.76
C GLY A 90 19.10 -19.84 -4.67
N GLY A 91 19.05 -18.60 -4.20
CA GLY A 91 18.08 -18.25 -3.19
C GLY A 91 17.18 -17.16 -3.77
N SER A 92 16.22 -16.67 -2.97
CA SER A 92 15.36 -15.60 -3.43
C SER A 92 15.80 -14.40 -2.62
N HIS A 93 15.93 -13.25 -3.28
CA HIS A 93 16.36 -12.07 -2.57
C HIS A 93 15.56 -10.89 -3.04
N THR A 94 15.47 -9.90 -2.17
CA THR A 94 14.71 -8.72 -2.50
C THR A 94 15.48 -7.47 -2.12
N LEU A 95 15.55 -6.53 -3.05
CA LEU A 95 16.16 -5.24 -2.81
C LEU A 95 15.06 -4.21 -3.09
N GLN A 96 14.90 -3.25 -2.19
CA GLN A 96 13.88 -2.24 -2.37
C GLN A 96 14.49 -0.87 -2.18
N GLN A 97 13.87 0.13 -2.80
CA GLN A 97 14.33 1.50 -2.69
C GLN A 97 13.14 2.45 -2.65
N MET A 98 13.27 3.51 -1.87
CA MET A 98 12.27 4.58 -1.78
C MET A 98 13.04 5.86 -1.96
N SER A 99 12.60 6.70 -2.89
CA SER A 99 13.27 7.97 -3.15
C SER A 99 12.20 8.98 -3.37
N GLY A 100 12.51 10.25 -3.16
CA GLY A 100 11.52 11.29 -3.38
C GLY A 100 11.67 12.49 -2.48
N CYS A 101 10.71 13.39 -2.59
CA CYS A 101 10.69 14.62 -1.83
C CYS A 101 9.33 14.94 -1.18
N ASP A 102 9.39 15.74 -0.12
CA ASP A 102 8.21 16.23 0.60
C ASP A 102 8.33 17.74 0.49
N LEU A 103 7.23 18.41 0.15
CA LEU A 103 7.29 19.86 0.08
C LEU A 103 6.59 20.36 1.34
N GLY A 104 7.06 21.49 1.85
CA GLY A 104 6.44 22.07 3.03
C GLY A 104 5.23 22.90 2.63
N SER A 105 4.65 23.60 3.60
CA SER A 105 3.48 24.42 3.34
C SER A 105 3.88 25.57 2.42
N ASP A 106 5.16 25.93 2.46
CA ASP A 106 5.65 27.00 1.63
C ASP A 106 5.98 26.49 0.24
N TRP A 107 5.71 25.22 -0.02
CA TRP A 107 5.97 24.60 -1.31
C TRP A 107 7.46 24.45 -1.66
N ARG A 108 8.32 24.69 -0.67
CA ARG A 108 9.75 24.52 -0.85
C ARG A 108 10.06 23.10 -0.35
N LEU A 109 11.24 22.59 -0.70
CA LEU A 109 11.64 21.26 -0.29
C LEU A 109 11.69 21.16 1.23
N LEU A 110 10.96 20.22 1.79
CA LEU A 110 10.97 20.09 3.24
C LEU A 110 11.94 18.98 3.67
N ARG A 111 12.01 17.93 2.84
CA ARG A 111 12.89 16.80 3.10
C ARG A 111 13.05 15.84 1.92
N GLY A 112 14.29 15.43 1.70
CA GLY A 112 14.62 14.50 0.64
C GLY A 112 14.80 13.15 1.25
N TYR A 113 14.43 12.12 0.50
CA TYR A 113 14.50 10.74 0.98
C TYR A 113 15.21 9.87 -0.04
N LEU A 114 16.03 8.94 0.44
CA LEU A 114 16.69 7.98 -0.42
C LEU A 114 17.16 6.86 0.47
N GLN A 115 16.40 5.77 0.47
CA GLN A 115 16.77 4.62 1.28
C GLN A 115 16.59 3.30 0.57
N PHE A 116 17.25 2.28 1.12
CA PHE A 116 17.24 0.94 0.57
C PHE A 116 16.99 -0.09 1.65
N ALA A 117 16.38 -1.20 1.25
CA ALA A 117 16.17 -2.31 2.15
C ALA A 117 16.56 -3.56 1.38
N TYR A 118 17.02 -4.55 2.12
CA TYR A 118 17.43 -5.80 1.57
C TYR A 118 16.77 -6.84 2.46
N GLU A 119 16.07 -7.77 1.82
CA GLU A 119 15.33 -8.82 2.51
C GLU A 119 14.31 -8.18 3.46
N GLY A 120 13.82 -7.01 3.06
CA GLY A 120 12.83 -6.31 3.88
C GLY A 120 13.36 -5.56 5.10
N ARG A 121 14.68 -5.40 5.23
CA ARG A 121 15.26 -4.69 6.37
C ARG A 121 16.04 -3.47 5.90
N ASP A 122 16.07 -2.42 6.72
CA ASP A 122 16.80 -1.19 6.38
C ASP A 122 18.21 -1.58 6.02
N TYR A 123 18.75 -0.99 4.96
CA TYR A 123 20.10 -1.30 4.53
C TYR A 123 20.91 -0.03 4.64
N ILE A 124 20.62 0.94 3.78
CA ILE A 124 21.32 2.21 3.86
C ILE A 124 20.32 3.33 3.57
N ALA A 125 20.59 4.50 4.11
CA ALA A 125 19.71 5.63 3.92
C ALA A 125 20.45 6.96 3.98
N LEU A 126 20.09 7.87 3.09
CA LEU A 126 20.68 9.21 3.07
C LEU A 126 20.03 10.03 4.20
N ASN A 127 20.86 10.72 5.00
CA ASN A 127 20.38 11.54 6.12
C ASN A 127 19.74 12.81 5.58
N GLU A 128 19.04 13.53 6.45
CA GLU A 128 18.37 14.77 6.09
C GLU A 128 19.29 15.82 5.52
N ASP A 129 20.55 15.81 5.93
CA ASP A 129 21.48 16.80 5.40
C ASP A 129 21.77 16.51 3.92
N LEU A 130 21.33 15.35 3.43
CA LEU A 130 21.57 14.93 2.05
C LEU A 130 23.06 14.95 1.71
N LYS A 131 23.91 14.64 2.69
CA LYS A 131 25.35 14.63 2.51
C LYS A 131 25.96 13.38 3.09
N THR A 132 25.39 12.93 4.20
CA THR A 132 25.87 11.75 4.91
C THR A 132 24.87 10.59 4.92
N TRP A 133 25.39 9.38 5.13
CA TRP A 133 24.60 8.16 5.13
C TRP A 133 24.51 7.45 6.47
N THR A 134 23.42 6.71 6.66
CA THR A 134 23.23 5.89 7.86
C THR A 134 23.15 4.46 7.32
N ALA A 135 24.11 3.63 7.71
CA ALA A 135 24.19 2.24 7.32
C ALA A 135 23.54 1.47 8.45
N ALA A 136 22.71 0.50 8.11
CA ALA A 136 22.00 -0.27 9.12
C ALA A 136 22.76 -1.45 9.72
N ASP A 137 23.77 -1.96 9.02
CA ASP A 137 24.54 -3.10 9.51
C ASP A 137 25.96 -3.06 8.96
N MET A 138 26.73 -4.12 9.17
CA MET A 138 28.11 -4.13 8.71
C MET A 138 28.23 -4.12 7.21
N ALA A 139 27.41 -4.92 6.55
CA ALA A 139 27.45 -4.97 5.09
C ALA A 139 27.22 -3.58 4.50
N ALA A 140 26.20 -2.90 4.99
CA ALA A 140 25.89 -1.57 4.47
C ALA A 140 27.01 -0.59 4.75
N GLN A 141 27.84 -0.89 5.75
CA GLN A 141 28.96 0.01 6.03
C GLN A 141 29.89 -0.06 4.83
N ILE A 142 29.92 -1.20 4.14
CA ILE A 142 30.74 -1.31 2.93
C ILE A 142 30.20 -0.33 1.89
N THR A 143 28.89 -0.32 1.70
CA THR A 143 28.31 0.60 0.73
C THR A 143 28.58 2.06 1.13
N ARG A 144 28.34 2.35 2.41
CA ARG A 144 28.57 3.70 2.93
C ARG A 144 29.97 4.24 2.57
N ARG A 145 31.02 3.48 2.90
CA ARG A 145 32.39 3.90 2.58
C ARG A 145 32.55 4.12 1.09
N LYS A 146 32.11 3.14 0.31
CA LYS A 146 32.18 3.18 -1.16
C LYS A 146 31.51 4.44 -1.70
N TRP A 147 30.36 4.79 -1.12
CA TRP A 147 29.67 5.97 -1.63
C TRP A 147 30.23 7.28 -1.15
N GLU A 148 30.83 7.29 0.04
CA GLU A 148 31.47 8.51 0.54
C GLU A 148 32.66 8.78 -0.40
N GLN A 149 33.37 7.73 -0.79
CA GLN A 149 34.52 7.85 -1.68
C GLN A 149 34.11 8.35 -3.07
N SER A 150 32.97 7.87 -3.57
CA SER A 150 32.46 8.24 -4.88
C SER A 150 31.69 9.56 -4.90
N GLY A 151 31.24 10.01 -3.73
CA GLY A 151 30.46 11.24 -3.69
C GLY A 151 29.04 10.98 -4.21
N ALA A 152 28.52 9.79 -3.91
CA ALA A 152 27.18 9.41 -4.35
C ALA A 152 26.09 10.34 -3.84
N ALA A 153 26.28 10.86 -2.63
CA ALA A 153 25.28 11.76 -2.02
C ALA A 153 25.03 13.02 -2.81
N GLU A 154 26.08 13.56 -3.43
CA GLU A 154 25.93 14.79 -4.18
C GLU A 154 25.01 14.59 -5.37
N HIS A 155 25.09 13.42 -5.99
CA HIS A 155 24.23 13.09 -7.12
C HIS A 155 22.75 13.09 -6.71
N TYR A 156 22.45 12.44 -5.59
CA TYR A 156 21.09 12.35 -5.13
C TYR A 156 20.59 13.69 -4.63
N LYS A 157 21.46 14.41 -3.93
CA LYS A 157 21.11 15.71 -3.42
C LYS A 157 20.69 16.65 -4.56
N ALA A 158 21.45 16.67 -5.66
CA ALA A 158 21.08 17.54 -6.77
C ALA A 158 19.69 17.14 -7.29
N TYR A 159 19.45 15.83 -7.41
CA TYR A 159 18.17 15.35 -7.87
C TYR A 159 17.03 15.75 -6.93
N LEU A 160 17.21 15.47 -5.66
CA LEU A 160 16.21 15.77 -4.65
C LEU A 160 15.88 17.25 -4.52
N GLU A 161 16.84 18.14 -4.74
CA GLU A 161 16.58 19.58 -4.62
C GLU A 161 16.22 20.21 -5.97
N GLY A 162 16.54 19.52 -7.06
CA GLY A 162 16.24 20.06 -8.37
C GLY A 162 15.05 19.36 -9.02
N GLU A 163 15.36 18.35 -9.82
CA GLU A 163 14.36 17.57 -10.53
C GLU A 163 13.14 17.12 -9.74
N CYS A 164 13.35 16.49 -8.59
CA CYS A 164 12.25 16.00 -7.79
C CYS A 164 11.24 17.10 -7.49
N VAL A 165 11.76 18.27 -7.17
CA VAL A 165 10.93 19.40 -6.82
C VAL A 165 10.28 19.99 -8.06
N GLU A 166 11.06 20.21 -9.10
CA GLU A 166 10.50 20.78 -10.31
C GLU A 166 9.37 19.92 -10.83
N TRP A 167 9.62 18.63 -10.99
CA TRP A 167 8.59 17.75 -11.53
C TRP A 167 7.42 17.53 -10.59
N LEU A 168 7.64 17.58 -9.28
CA LEU A 168 6.51 17.43 -8.39
C LEU A 168 5.57 18.64 -8.63
N HIS A 169 6.13 19.84 -8.74
CA HIS A 169 5.29 21.03 -8.99
C HIS A 169 4.48 20.85 -10.29
N ARG A 170 5.13 20.37 -11.34
CA ARG A 170 4.45 20.17 -12.61
C ARG A 170 3.28 19.16 -12.50
N TYR A 171 3.52 18.06 -11.81
CA TYR A 171 2.50 17.02 -11.65
C TYR A 171 1.30 17.53 -10.87
N LEU A 172 1.57 18.32 -9.84
CA LEU A 172 0.49 18.88 -9.04
C LEU A 172 -0.39 19.82 -9.89
N LYS A 173 0.23 20.48 -10.86
CA LYS A 173 -0.49 21.41 -11.74
C LYS A 173 -1.42 20.62 -12.69
N ASN A 174 -0.85 19.63 -13.36
CA ASN A 174 -1.57 18.79 -14.30
C ASN A 174 -2.66 17.94 -13.66
N GLY A 175 -2.49 17.58 -12.39
CA GLY A 175 -3.49 16.76 -11.73
C GLY A 175 -4.22 17.48 -10.61
N ASN A 176 -4.41 18.79 -10.78
CA ASN A 176 -5.08 19.64 -9.81
C ASN A 176 -6.42 19.11 -9.28
N ALA A 177 -7.42 19.12 -10.14
CA ALA A 177 -8.76 18.67 -9.77
C ALA A 177 -8.88 17.18 -9.44
N THR A 178 -7.76 16.46 -9.42
CA THR A 178 -7.83 15.02 -9.16
C THR A 178 -7.31 14.62 -7.78
N LEU A 179 -6.09 15.05 -7.46
CA LEU A 179 -5.50 14.71 -6.17
C LEU A 179 -6.25 15.38 -5.03
N LEU A 180 -6.95 16.46 -5.34
CA LEU A 180 -7.70 17.21 -4.33
C LEU A 180 -9.18 16.80 -4.16
N ARG A 181 -9.64 15.78 -4.88
CA ARG A 181 -11.04 15.37 -4.75
C ARG A 181 -11.31 14.60 -3.45
N THR A 182 -12.56 14.65 -2.99
CA THR A 182 -12.95 13.94 -1.78
C THR A 182 -14.31 13.28 -1.97
N ASP A 183 -14.46 12.11 -1.36
CA ASP A 183 -15.72 11.41 -1.38
C ASP A 183 -16.12 11.16 0.05
N SER A 184 -17.23 11.76 0.45
CA SER A 184 -17.69 11.60 1.79
C SER A 184 -18.10 10.18 2.07
N PRO A 185 -17.90 9.74 3.31
CA PRO A 185 -18.29 8.37 3.59
C PRO A 185 -19.83 8.26 3.73
N LYS A 186 -20.39 7.16 3.26
CA LYS A 186 -21.82 6.90 3.39
C LYS A 186 -21.81 5.94 4.56
N ALA A 187 -22.49 6.30 5.64
CA ALA A 187 -22.48 5.49 6.85
C ALA A 187 -23.81 4.89 7.27
N HIS A 188 -23.75 3.80 8.02
CA HIS A 188 -24.93 3.13 8.54
C HIS A 188 -24.50 2.24 9.68
N VAL A 189 -25.45 1.89 10.55
CA VAL A 189 -25.20 1.06 11.72
C VAL A 189 -25.90 -0.30 11.63
N THR A 190 -25.19 -1.37 11.93
CA THR A 190 -25.82 -2.69 11.92
C THR A 190 -25.93 -3.19 13.35
N HIS A 191 -26.85 -4.13 13.55
CA HIS A 191 -27.15 -4.66 14.86
C HIS A 191 -26.88 -6.17 14.92
N HIS A 192 -26.05 -6.62 15.85
CA HIS A 192 -25.75 -8.06 15.91
C HIS A 192 -25.91 -8.77 17.25
N PRO A 193 -26.57 -9.95 17.24
CA PRO A 193 -26.90 -10.89 18.33
C PRO A 193 -26.31 -10.69 19.71
N ARG A 194 -27.22 -10.76 20.69
CA ARG A 194 -26.95 -10.57 22.12
C ARG A 194 -26.40 -11.75 22.93
N SER A 195 -25.10 -11.72 23.19
CA SER A 195 -24.46 -12.78 23.98
C SER A 195 -24.91 -12.58 25.43
N LYS A 196 -26.11 -13.06 25.74
CA LYS A 196 -26.67 -12.94 27.08
C LYS A 196 -27.05 -11.50 27.38
N GLY A 197 -28.04 -11.00 26.66
CA GLY A 197 -28.51 -9.65 26.86
C GLY A 197 -27.59 -8.54 26.36
N GLU A 198 -26.50 -8.91 25.68
CA GLU A 198 -25.56 -7.92 25.16
C GLU A 198 -25.49 -7.96 23.63
N VAL A 199 -25.71 -6.81 23.00
CA VAL A 199 -25.67 -6.71 21.54
C VAL A 199 -24.49 -5.89 21.02
N THR A 200 -24.00 -6.26 19.83
CA THR A 200 -22.91 -5.54 19.20
C THR A 200 -23.49 -4.55 18.18
N LEU A 201 -23.11 -3.28 18.30
CA LEU A 201 -23.53 -2.25 17.35
C LEU A 201 -22.29 -1.94 16.51
N ARG A 202 -22.43 -1.99 15.19
CA ARG A 202 -21.29 -1.74 14.31
C ARG A 202 -21.56 -0.58 13.37
N CYS A 203 -20.66 0.39 13.41
CA CYS A 203 -20.77 1.57 12.58
C CYS A 203 -19.91 1.45 11.34
N TRP A 204 -20.54 1.49 10.18
CA TRP A 204 -19.83 1.36 8.91
C TRP A 204 -19.68 2.67 8.16
N ALA A 205 -18.48 2.90 7.62
CA ALA A 205 -18.20 4.07 6.80
C ALA A 205 -17.75 3.45 5.47
N LEU A 206 -18.43 3.81 4.37
CA LEU A 206 -18.12 3.24 3.07
C LEU A 206 -18.02 4.25 1.96
N GLY A 207 -17.32 3.88 0.90
CA GLY A 207 -17.16 4.75 -0.26
C GLY A 207 -16.48 6.09 -0.05
N PHE A 208 -15.56 6.17 0.90
CA PHE A 208 -14.88 7.45 1.11
C PHE A 208 -13.52 7.53 0.44
N TYR A 209 -13.07 8.77 0.22
CA TYR A 209 -11.77 9.07 -0.36
C TYR A 209 -11.39 10.50 0.04
N PRO A 210 -10.15 10.71 0.52
CA PRO A 210 -9.09 9.71 0.73
C PRO A 210 -9.38 8.77 1.88
N ALA A 211 -8.38 7.97 2.23
CA ALA A 211 -8.52 6.96 3.27
C ALA A 211 -8.45 7.42 4.73
N ASP A 212 -7.98 8.63 4.97
CA ASP A 212 -7.91 9.13 6.34
C ASP A 212 -9.32 9.24 6.90
N ILE A 213 -9.55 8.70 8.09
CA ILE A 213 -10.88 8.77 8.69
C ILE A 213 -10.87 8.40 10.17
N THR A 214 -11.87 8.87 10.90
CA THR A 214 -11.95 8.59 12.32
C THR A 214 -13.39 8.28 12.69
N LEU A 215 -13.60 7.12 13.31
CA LEU A 215 -14.93 6.70 13.75
C LEU A 215 -14.88 6.61 15.27
N THR A 216 -15.87 7.19 15.94
CA THR A 216 -15.89 7.18 17.40
C THR A 216 -17.29 6.98 17.92
N TRP A 217 -17.46 5.98 18.77
CA TRP A 217 -18.73 5.69 19.41
C TRP A 217 -18.85 6.47 20.70
N GLN A 218 -20.08 6.85 21.04
CA GLN A 218 -20.33 7.61 22.26
C GLN A 218 -21.59 7.13 22.96
N LEU A 219 -21.65 7.41 24.25
CA LEU A 219 -22.78 7.06 25.10
C LEU A 219 -23.34 8.39 25.61
N ASN A 220 -24.57 8.70 25.23
CA ASN A 220 -25.21 9.95 25.62
C ASN A 220 -24.38 11.12 25.13
N GLY A 221 -23.69 10.93 24.00
CA GLY A 221 -22.88 11.97 23.43
C GLY A 221 -21.55 12.17 24.12
N GLU A 222 -21.30 11.39 25.17
CA GLU A 222 -20.06 11.49 25.90
C GLU A 222 -19.06 10.44 25.43
N GLU A 223 -17.82 10.87 25.26
CA GLU A 223 -16.73 10.03 24.78
C GLU A 223 -16.74 8.60 25.27
N LEU A 224 -16.29 7.72 24.39
CA LEU A 224 -16.25 6.31 24.71
C LEU A 224 -14.96 5.70 24.18
N THR A 225 -13.83 6.29 24.61
CA THR A 225 -12.50 5.84 24.22
C THR A 225 -12.07 4.73 25.18
N GLN A 226 -12.20 3.48 24.77
CA GLN A 226 -11.83 2.38 25.65
C GLN A 226 -12.10 0.98 25.08
N ASP A 227 -13.35 0.54 25.19
CA ASP A 227 -13.80 -0.78 24.74
C ASP A 227 -14.45 -0.75 23.34
N MET A 228 -13.70 -0.29 22.35
CA MET A 228 -14.21 -0.18 20.99
C MET A 228 -13.43 -1.05 20.02
N GLU A 229 -14.15 -1.79 19.19
CA GLU A 229 -13.52 -2.68 18.21
C GLU A 229 -13.39 -1.95 16.87
N LEU A 230 -12.16 -1.88 16.34
CA LEU A 230 -11.91 -1.24 15.06
C LEU A 230 -11.37 -2.22 14.04
N VAL A 231 -11.28 -1.77 12.81
CA VAL A 231 -10.74 -2.59 11.75
C VAL A 231 -9.86 -1.66 10.92
N GLU A 232 -8.76 -2.19 10.40
CA GLU A 232 -7.85 -1.38 9.61
C GLU A 232 -8.59 -0.90 8.37
N THR A 233 -8.38 0.36 7.99
CA THR A 233 -9.02 0.90 6.80
C THR A 233 -8.65 0.03 5.61
N ARG A 234 -9.62 -0.22 4.73
CA ARG A 234 -9.42 -1.12 3.60
C ARG A 234 -9.98 -0.63 2.27
N PRO A 235 -9.34 -1.05 1.16
CA PRO A 235 -9.77 -0.65 -0.18
C PRO A 235 -10.98 -1.47 -0.66
N ALA A 236 -11.97 -0.78 -1.23
CA ALA A 236 -13.18 -1.43 -1.74
C ALA A 236 -12.88 -2.04 -3.11
N GLY A 237 -11.83 -1.54 -3.74
CA GLY A 237 -11.42 -2.05 -5.04
C GLY A 237 -11.91 -1.14 -6.16
N ASP A 238 -12.74 -0.16 -5.80
CA ASP A 238 -13.25 0.78 -6.80
C ASP A 238 -12.61 2.14 -6.61
N GLY A 239 -11.58 2.21 -5.78
CA GLY A 239 -10.96 3.49 -5.58
C GLY A 239 -11.34 4.09 -4.24
N THR A 240 -12.42 3.61 -3.62
CA THR A 240 -12.81 4.17 -2.32
C THR A 240 -12.39 3.25 -1.19
N PHE A 241 -12.64 3.68 0.05
CA PHE A 241 -12.26 2.90 1.23
C PHE A 241 -13.42 2.59 2.16
N GLN A 242 -13.15 1.75 3.15
CA GLN A 242 -14.13 1.33 4.14
C GLN A 242 -13.48 1.19 5.51
N LYS A 243 -14.32 1.23 6.53
CA LYS A 243 -13.86 1.06 7.90
C LYS A 243 -15.07 0.91 8.78
N TRP A 244 -14.91 0.21 9.90
CA TRP A 244 -16.01 0.09 10.84
C TRP A 244 -15.51 0.05 12.25
N ALA A 245 -16.39 0.42 13.19
CA ALA A 245 -16.08 0.40 14.62
C ALA A 245 -17.32 -0.15 15.31
N SER A 246 -17.11 -1.04 16.27
CA SER A 246 -18.24 -1.63 16.97
C SER A 246 -18.02 -1.52 18.47
N VAL A 247 -19.09 -1.75 19.21
CA VAL A 247 -19.05 -1.65 20.66
C VAL A 247 -20.15 -2.56 21.21
N VAL A 248 -19.88 -3.18 22.36
CA VAL A 248 -20.85 -4.08 22.99
C VAL A 248 -21.84 -3.25 23.79
N VAL A 249 -23.12 -3.50 23.58
CA VAL A 249 -24.16 -2.73 24.26
C VAL A 249 -25.31 -3.55 24.85
N PRO A 250 -25.84 -3.09 26.02
CA PRO A 250 -26.95 -3.78 26.68
C PRO A 250 -28.25 -3.68 25.87
N LEU A 251 -28.76 -4.84 25.46
CA LEU A 251 -29.98 -4.91 24.66
C LEU A 251 -31.06 -4.02 25.28
N GLY A 252 -31.58 -3.09 24.48
CA GLY A 252 -32.59 -2.20 24.98
C GLY A 252 -32.01 -0.82 25.27
N LYS A 253 -30.68 -0.73 25.30
CA LYS A 253 -30.02 0.54 25.56
C LYS A 253 -29.29 1.12 24.34
N GLU A 254 -29.53 0.56 23.17
CA GLU A 254 -28.85 1.03 21.97
C GLU A 254 -29.20 2.43 21.45
N GLN A 255 -30.40 2.94 21.78
CA GLN A 255 -30.74 4.28 21.32
C GLN A 255 -29.87 5.35 22.00
N ASN A 256 -29.16 4.96 23.07
CA ASN A 256 -28.31 5.92 23.77
C ASN A 256 -26.98 6.16 23.07
N TYR A 257 -26.49 5.16 22.35
CA TYR A 257 -25.22 5.27 21.64
C TYR A 257 -25.28 5.91 20.27
N THR A 258 -24.31 6.78 19.99
CA THR A 258 -24.20 7.42 18.68
C THR A 258 -22.77 7.23 18.19
N CYS A 259 -22.63 7.09 16.87
CA CYS A 259 -21.33 6.91 16.24
C CYS A 259 -21.02 8.19 15.46
N ARG A 260 -19.83 8.72 15.69
CA ARG A 260 -19.40 9.95 15.05
C ARG A 260 -18.40 9.58 13.97
N VAL A 261 -18.55 10.17 12.79
CA VAL A 261 -17.66 9.90 11.68
C VAL A 261 -17.05 11.21 11.18
N TYR A 262 -15.72 11.28 11.21
CA TYR A 262 -14.98 12.46 10.79
C TYR A 262 -14.21 12.15 9.51
N HIS A 263 -14.34 13.05 8.53
CA HIS A 263 -13.69 12.93 7.22
C HIS A 263 -13.67 14.27 6.47
N GLU A 264 -12.58 14.57 5.78
CA GLU A 264 -12.41 15.81 5.04
C GLU A 264 -13.52 16.15 4.04
N GLY A 265 -14.13 15.15 3.44
CA GLY A 265 -15.19 15.43 2.49
C GLY A 265 -16.50 15.87 3.12
N LEU A 266 -16.64 15.59 4.40
CA LEU A 266 -17.83 15.91 5.15
C LEU A 266 -18.02 17.38 5.54
N PRO A 267 -19.18 17.95 5.19
CA PRO A 267 -19.48 19.36 5.52
C PRO A 267 -19.47 19.48 7.05
N GLU A 268 -19.87 18.42 7.73
CA GLU A 268 -19.84 18.38 9.20
C GLU A 268 -19.68 16.91 9.54
N PRO A 269 -19.16 16.59 10.73
CA PRO A 269 -19.01 15.18 11.06
C PRO A 269 -20.40 14.55 11.04
N LEU A 270 -20.45 13.25 10.76
CA LEU A 270 -21.70 12.51 10.68
C LEU A 270 -22.05 12.00 12.06
N THR A 271 -23.33 11.88 12.35
CA THR A 271 -23.75 11.32 13.62
C THR A 271 -24.79 10.26 13.31
N LEU A 272 -24.56 9.05 13.78
CA LEU A 272 -25.48 7.95 13.50
C LEU A 272 -25.93 7.22 14.77
N ARG A 273 -27.02 6.48 14.63
CA ARG A 273 -27.57 5.70 15.72
C ARG A 273 -28.18 4.45 15.09
N TRP A 274 -28.33 3.41 15.88
CA TRP A 274 -28.95 2.19 15.41
C TRP A 274 -30.38 2.55 14.98
N GLU A 275 -30.75 2.16 13.76
CA GLU A 275 -32.07 2.43 13.17
C GLU A 275 -32.33 3.91 12.97
N ILE B 1 13.56 -11.39 8.58
CA ILE B 1 13.59 -12.23 7.34
C ILE B 1 12.19 -12.46 6.75
N GLN B 2 11.22 -12.73 7.63
CA GLN B 2 9.83 -12.99 7.19
C GLN B 2 8.76 -12.29 8.03
N LYS B 3 7.77 -11.72 7.36
CA LYS B 3 6.67 -11.05 8.04
C LYS B 3 5.37 -11.75 7.62
N THR B 4 4.54 -12.14 8.62
CA THR B 4 3.28 -12.85 8.37
C THR B 4 2.10 -11.99 7.89
N PRO B 5 1.54 -12.35 6.73
CA PRO B 5 0.41 -11.59 6.19
C PRO B 5 -0.79 -11.40 7.12
N GLN B 6 -1.35 -10.20 7.07
CA GLN B 6 -2.54 -9.83 7.82
C GLN B 6 -3.60 -9.95 6.73
N ILE B 7 -4.76 -10.50 7.06
CA ILE B 7 -5.84 -10.70 6.08
C ILE B 7 -7.21 -10.14 6.43
N GLN B 8 -7.85 -9.47 5.48
CA GLN B 8 -9.22 -9.02 5.67
C GLN B 8 -10.00 -9.54 4.48
N VAL B 9 -11.17 -10.11 4.76
CA VAL B 9 -12.06 -10.66 3.73
C VAL B 9 -13.37 -9.92 3.92
N TYR B 10 -13.86 -9.29 2.85
CA TYR B 10 -15.07 -8.49 2.93
C TYR B 10 -15.60 -8.15 1.52
N SER B 11 -16.85 -7.74 1.45
CA SER B 11 -17.47 -7.38 0.17
C SER B 11 -17.28 -5.91 -0.19
N ARG B 12 -17.28 -5.60 -1.49
CA ARG B 12 -17.13 -4.22 -1.91
C ARG B 12 -18.37 -3.43 -1.50
N HIS B 13 -19.53 -4.04 -1.65
CA HIS B 13 -20.80 -3.40 -1.31
C HIS B 13 -21.50 -4.16 -0.21
N PRO B 14 -22.39 -3.47 0.54
CA PRO B 14 -23.12 -4.13 1.62
C PRO B 14 -23.81 -5.28 0.91
N PRO B 15 -23.77 -6.49 1.48
CA PRO B 15 -24.40 -7.66 0.85
C PRO B 15 -25.91 -7.89 1.03
N GLU B 16 -26.54 -8.37 -0.03
CA GLU B 16 -27.96 -8.72 0.00
C GLU B 16 -27.96 -10.07 -0.70
N ASN B 17 -28.54 -11.09 -0.08
CA ASN B 17 -28.56 -12.41 -0.71
C ASN B 17 -29.20 -12.32 -2.10
N GLY B 18 -28.60 -12.99 -3.07
CA GLY B 18 -29.14 -12.96 -4.41
C GLY B 18 -28.52 -11.88 -5.27
N LYS B 19 -28.00 -10.84 -4.64
CA LYS B 19 -27.40 -9.75 -5.39
C LYS B 19 -25.90 -9.85 -5.68
N PRO B 20 -25.52 -9.76 -6.98
CA PRO B 20 -24.14 -9.83 -7.42
C PRO B 20 -23.36 -8.77 -6.67
N ASN B 21 -22.15 -9.12 -6.27
CA ASN B 21 -21.32 -8.22 -5.51
C ASN B 21 -19.86 -8.55 -5.88
N ILE B 22 -18.92 -7.99 -5.12
CA ILE B 22 -17.51 -8.26 -5.36
C ILE B 22 -16.90 -8.65 -4.01
N LEU B 23 -16.24 -9.81 -3.95
CA LEU B 23 -15.61 -10.25 -2.71
C LEU B 23 -14.14 -9.92 -2.73
N ASN B 24 -13.70 -9.20 -1.69
CA ASN B 24 -12.30 -8.78 -1.55
C ASN B 24 -11.55 -9.60 -0.53
N CYS B 25 -10.25 -9.75 -0.79
CA CYS B 25 -9.32 -10.41 0.11
C CYS B 25 -8.09 -9.47 0.10
N TYR B 26 -7.95 -8.69 1.16
CA TYR B 26 -6.88 -7.72 1.28
C TYR B 26 -5.79 -8.33 2.18
N VAL B 27 -4.61 -8.53 1.62
CA VAL B 27 -3.48 -9.16 2.31
C VAL B 27 -2.33 -8.15 2.46
N THR B 28 -1.91 -7.90 3.70
CA THR B 28 -0.87 -6.90 3.92
C THR B 28 0.26 -7.31 4.83
N GLN B 29 1.19 -6.38 5.01
CA GLN B 29 2.34 -6.58 5.87
C GLN B 29 3.11 -7.89 5.71
N PHE B 30 3.34 -8.33 4.47
CA PHE B 30 4.10 -9.55 4.24
C PHE B 30 5.40 -9.32 3.47
N HIS B 31 6.37 -10.21 3.69
CA HIS B 31 7.67 -10.13 3.02
C HIS B 31 8.26 -11.55 3.13
N PRO B 32 8.83 -12.09 2.04
CA PRO B 32 8.99 -11.56 0.68
C PRO B 32 7.68 -11.39 -0.10
N PRO B 33 7.76 -10.67 -1.23
CA PRO B 33 6.58 -10.42 -2.05
C PRO B 33 5.90 -11.62 -2.69
N HIS B 34 6.61 -12.72 -2.89
CA HIS B 34 5.94 -13.86 -3.49
C HIS B 34 4.89 -14.44 -2.54
N ILE B 35 3.67 -14.61 -3.05
CA ILE B 35 2.57 -15.10 -2.22
C ILE B 35 1.49 -15.79 -3.04
N GLU B 36 0.81 -16.75 -2.45
CA GLU B 36 -0.25 -17.44 -3.14
C GLU B 36 -1.57 -17.16 -2.43
N ILE B 37 -2.45 -16.44 -3.12
CA ILE B 37 -3.74 -16.11 -2.56
C ILE B 37 -4.88 -16.71 -3.39
N GLN B 38 -5.74 -17.50 -2.77
CA GLN B 38 -6.85 -18.03 -3.52
C GLN B 38 -8.19 -17.82 -2.79
N MET B 39 -9.25 -17.72 -3.57
CA MET B 39 -10.57 -17.50 -3.03
C MET B 39 -11.37 -18.77 -3.21
N LEU B 40 -12.14 -19.09 -2.18
CA LEU B 40 -12.92 -20.32 -2.14
C LEU B 40 -14.42 -20.14 -1.93
N LYS B 41 -15.18 -20.93 -2.68
CA LYS B 41 -16.63 -20.98 -2.55
C LYS B 41 -16.92 -22.44 -2.20
N ASN B 42 -17.49 -22.65 -1.02
CA ASN B 42 -17.80 -23.99 -0.52
C ASN B 42 -16.60 -24.93 -0.64
N GLY B 43 -15.42 -24.45 -0.26
CA GLY B 43 -14.21 -25.26 -0.31
C GLY B 43 -13.53 -25.41 -1.67
N LYS B 44 -14.13 -24.90 -2.74
CA LYS B 44 -13.56 -25.01 -4.07
C LYS B 44 -12.93 -23.70 -4.54
N LYS B 45 -11.74 -23.81 -5.14
CA LYS B 45 -11.04 -22.63 -5.64
C LYS B 45 -11.88 -21.90 -6.67
N ILE B 46 -11.91 -20.58 -6.57
CA ILE B 46 -12.65 -19.80 -7.53
C ILE B 46 -11.66 -19.52 -8.63
N PRO B 47 -12.03 -19.84 -9.90
CA PRO B 47 -11.22 -19.65 -11.10
C PRO B 47 -10.75 -18.24 -11.41
N LYS B 48 -11.69 -17.31 -11.52
CA LYS B 48 -11.34 -15.94 -11.84
C LYS B 48 -11.19 -15.03 -10.64
N VAL B 49 -9.94 -14.79 -10.26
CA VAL B 49 -9.64 -13.91 -9.14
C VAL B 49 -8.65 -12.86 -9.63
N GLU B 50 -9.04 -11.59 -9.54
CA GLU B 50 -8.16 -10.50 -9.96
C GLU B 50 -7.22 -10.14 -8.80
N MET B 51 -6.03 -9.64 -9.12
CA MET B 51 -5.08 -9.25 -8.07
C MET B 51 -4.50 -7.90 -8.44
N SER B 52 -4.44 -6.98 -7.50
CA SER B 52 -3.82 -5.68 -7.77
C SER B 52 -2.31 -5.90 -8.09
N ASP B 53 -1.67 -4.90 -8.63
CA ASP B 53 -0.25 -4.99 -8.96
C ASP B 53 0.64 -4.91 -7.71
N MET B 54 1.82 -5.50 -7.79
CA MET B 54 2.76 -5.55 -6.67
C MET B 54 3.08 -4.16 -6.10
N SER B 55 2.81 -3.99 -4.81
CA SER B 55 3.06 -2.72 -4.14
C SER B 55 3.56 -2.94 -2.71
N PHE B 56 4.36 -2.00 -2.20
CA PHE B 56 4.87 -2.09 -0.85
C PHE B 56 4.69 -0.76 -0.12
N SER B 57 4.68 -0.84 1.22
CA SER B 57 4.45 0.32 2.08
C SER B 57 5.74 0.86 2.68
N LYS B 58 5.58 1.94 3.45
CA LYS B 58 6.68 2.64 4.13
C LYS B 58 7.57 1.77 4.98
N ASP B 59 7.03 0.68 5.51
CA ASP B 59 7.84 -0.21 6.33
C ASP B 59 8.40 -1.34 5.48
N TRP B 60 8.40 -1.15 4.16
CA TRP B 60 8.94 -2.13 3.20
C TRP B 60 8.03 -3.35 2.95
N SER B 61 6.99 -3.49 3.76
CA SER B 61 6.03 -4.61 3.65
C SER B 61 5.16 -4.54 2.38
N PHE B 62 4.86 -5.69 1.79
CA PHE B 62 4.02 -5.77 0.60
C PHE B 62 2.55 -6.02 0.95
N TYR B 63 1.67 -5.61 0.04
CA TYR B 63 0.23 -5.79 0.19
C TYR B 63 -0.41 -6.03 -1.17
N ILE B 64 -1.48 -6.83 -1.17
CA ILE B 64 -2.23 -7.19 -2.38
C ILE B 64 -3.76 -7.20 -2.11
N LEU B 65 -4.53 -6.74 -3.11
CA LEU B 65 -5.98 -6.76 -3.01
C LEU B 65 -6.41 -7.78 -4.04
N ALA B 66 -6.97 -8.89 -3.58
CA ALA B 66 -7.46 -9.90 -4.50
C ALA B 66 -8.97 -9.78 -4.42
N HIS B 67 -9.64 -9.99 -5.54
CA HIS B 67 -11.10 -9.92 -5.51
C HIS B 67 -11.64 -10.77 -6.63
N THR B 68 -12.92 -11.13 -6.47
CA THR B 68 -13.65 -11.97 -7.43
C THR B 68 -15.13 -11.65 -7.38
N GLU B 69 -15.80 -11.81 -8.52
CA GLU B 69 -17.23 -11.61 -8.58
C GLU B 69 -17.87 -12.72 -7.79
N PHE B 70 -18.89 -12.38 -7.01
CA PHE B 70 -19.61 -13.40 -6.25
C PHE B 70 -21.01 -12.92 -5.92
N THR B 71 -21.85 -13.88 -5.57
CA THR B 71 -23.23 -13.59 -5.20
C THR B 71 -23.48 -14.24 -3.87
N PRO B 72 -23.55 -13.42 -2.81
CA PRO B 72 -23.80 -13.99 -1.49
C PRO B 72 -25.20 -14.60 -1.38
N THR B 73 -25.28 -15.75 -0.71
CA THR B 73 -26.55 -16.43 -0.48
C THR B 73 -26.57 -16.84 0.99
N GLU B 74 -27.70 -17.33 1.46
CA GLU B 74 -27.79 -17.74 2.85
C GLU B 74 -26.98 -19.01 3.14
N THR B 75 -26.73 -19.78 2.10
CA THR B 75 -26.07 -21.07 2.23
C THR B 75 -24.60 -21.20 1.82
N ASP B 76 -24.21 -20.56 0.74
CA ASP B 76 -22.83 -20.67 0.31
C ASP B 76 -21.84 -20.04 1.27
N THR B 77 -20.65 -20.63 1.29
CA THR B 77 -19.58 -20.13 2.11
C THR B 77 -18.45 -19.64 1.22
N TYR B 78 -17.81 -18.57 1.65
CA TYR B 78 -16.72 -17.96 0.91
C TYR B 78 -15.52 -17.76 1.86
N ALA B 79 -14.31 -17.93 1.34
CA ALA B 79 -13.10 -17.76 2.15
C ALA B 79 -11.90 -17.43 1.27
N CYS B 80 -10.86 -16.92 1.93
CA CYS B 80 -9.63 -16.59 1.23
C CYS B 80 -8.57 -17.50 1.87
N ARG B 81 -7.79 -18.18 1.05
CA ARG B 81 -6.75 -19.06 1.58
C ARG B 81 -5.40 -18.45 1.15
N VAL B 82 -4.59 -18.05 2.11
CA VAL B 82 -3.31 -17.40 1.84
C VAL B 82 -2.15 -18.30 2.22
N LYS B 83 -1.26 -18.54 1.27
CA LYS B 83 -0.08 -19.36 1.52
C LYS B 83 1.12 -18.48 1.26
N HIS B 84 1.97 -18.38 2.27
CA HIS B 84 3.14 -17.55 2.19
C HIS B 84 4.27 -18.24 2.94
N ASP B 85 5.51 -17.98 2.55
CA ASP B 85 6.66 -18.61 3.19
C ASP B 85 6.84 -18.36 4.67
N SER B 86 6.22 -17.31 5.21
CA SER B 86 6.36 -17.01 6.65
C SER B 86 5.44 -17.81 7.57
N MET B 87 4.71 -18.76 7.00
CA MET B 87 3.81 -19.56 7.81
C MET B 87 3.94 -21.00 7.43
N ALA B 88 4.04 -21.85 8.42
CA ALA B 88 4.15 -23.27 8.20
C ALA B 88 2.98 -23.72 7.31
N GLU B 89 1.76 -23.38 7.72
CA GLU B 89 0.55 -23.78 6.99
C GLU B 89 -0.25 -22.64 6.35
N PRO B 90 -0.94 -22.94 5.25
CA PRO B 90 -1.74 -21.90 4.59
C PRO B 90 -2.76 -21.36 5.60
N LYS B 91 -3.20 -20.13 5.42
CA LYS B 91 -4.16 -19.57 6.36
C LYS B 91 -5.48 -19.28 5.68
N THR B 92 -6.56 -19.80 6.25
CA THR B 92 -7.87 -19.58 5.69
C THR B 92 -8.79 -18.71 6.52
N VAL B 93 -9.22 -17.61 5.93
CA VAL B 93 -10.14 -16.70 6.61
C VAL B 93 -11.50 -16.72 5.90
N TYR B 94 -12.58 -16.90 6.66
CA TYR B 94 -13.92 -16.93 6.04
C TYR B 94 -14.57 -15.55 5.92
N TRP B 95 -15.38 -15.36 4.87
CA TRP B 95 -16.08 -14.11 4.73
C TRP B 95 -17.25 -14.15 5.70
N ASP B 96 -17.40 -13.08 6.48
CA ASP B 96 -18.48 -12.95 7.47
C ASP B 96 -19.18 -11.66 7.03
N ARG B 97 -20.48 -11.77 6.72
CA ARG B 97 -21.21 -10.58 6.26
C ARG B 97 -21.31 -9.51 7.32
N ASP B 98 -21.07 -9.87 8.58
CA ASP B 98 -21.14 -8.86 9.63
C ASP B 98 -19.81 -8.15 9.85
N MET B 99 -18.83 -8.36 8.97
CA MET B 99 -17.51 -7.74 9.09
C MET B 99 -16.84 -7.30 7.79
N SER C 1 9.28 12.52 -12.22
CA SER C 1 10.51 12.08 -12.95
C SER C 1 11.40 11.38 -11.93
N SER C 2 11.78 10.14 -12.24
CA SER C 2 12.60 9.32 -11.34
C SER C 2 14.10 9.64 -11.34
N VAL C 3 14.80 9.04 -10.36
CA VAL C 3 16.24 9.17 -10.19
C VAL C 3 16.83 7.85 -10.68
N VAL C 4 18.05 7.90 -11.15
CA VAL C 4 18.74 6.68 -11.55
C VAL C 4 19.93 6.51 -10.61
N GLY C 5 20.35 5.26 -10.47
CA GLY C 5 21.52 5.00 -9.65
C GLY C 5 22.74 5.12 -10.56
N VAL C 6 23.87 5.50 -9.98
CA VAL C 6 25.13 5.61 -10.68
C VAL C 6 25.98 4.54 -9.97
N TRP C 7 26.66 4.89 -8.89
CA TRP C 7 27.46 3.88 -8.17
C TRP C 7 26.57 2.78 -7.61
N TYR C 8 27.08 1.55 -7.61
CA TYR C 8 26.34 0.41 -7.12
C TYR C 8 26.50 0.26 -5.62
N LEU C 9 25.62 -0.55 -5.03
CA LEU C 9 25.68 -0.81 -3.60
C LEU C 9 26.99 -1.56 -3.31
#